data_7QE8
#
_entry.id   7QE8
#
_cell.length_a   77.626
_cell.length_b   77.626
_cell.length_c   187.349
_cell.angle_alpha   90.000
_cell.angle_beta   90.000
_cell.angle_gamma   120.000
#
_symmetry.space_group_name_H-M   'P 31 2 1'
#
loop_
_entity.id
_entity.type
_entity.pdbx_description
1 polymer Trypsin-1
2 polymer 'Serine protease inhibitor Kazal-type 1'
3 non-polymer 'SULFATE ION'
4 water water
#
loop_
_entity_poly.entity_id
_entity_poly.type
_entity_poly.pdbx_seq_one_letter_code
_entity_poly.pdbx_strand_id
1 'polypeptide(L)'
;IVGGYNCEENSVPYQVSLNSGYHFCGGSLINEQWVVSAGHCYKSRIQVRLGEHNIEVLEGNEQFINAAKIIRHPQYDRKT
LNNDIMLIKLSSRAVINARVSTISLPTAPPATGTKCLISGWGNTASSGADYPDELQCLDAPVLSQAKCEASYPGKITSNM
FCVGFLEGGKDSCQGDAGGPVVCNGQLQGVVSWGDGCAQKNKPGVYTKVYNYVKWIKNTIAANS
;
A,B
2 'polypeptide(L)' DSLGREAKCYNELNGCTKIYDPVCGTDGNTYPNECVLCFENRKRQTSILIQKSGPC C,D
#
loop_
_chem_comp.id
_chem_comp.type
_chem_comp.name
_chem_comp.formula
SO4 non-polymer 'SULFATE ION' 'O4 S -2'
#
# COMPACT_ATOMS: atom_id res chain seq x y z
N ILE A 1 9.50 25.41 -9.49
CA ILE A 1 8.13 25.88 -9.47
C ILE A 1 8.04 27.38 -9.83
N VAL A 2 7.33 27.69 -10.92
CA VAL A 2 7.12 29.07 -11.33
C VAL A 2 5.80 29.56 -10.76
N GLY A 3 5.83 30.78 -10.24
CA GLY A 3 4.63 31.41 -9.72
C GLY A 3 4.17 30.81 -8.41
N GLY A 4 5.06 30.15 -7.68
CA GLY A 4 4.70 29.56 -6.40
C GLY A 4 5.06 30.45 -5.22
N TYR A 5 5.17 29.81 -4.06
CA TYR A 5 5.49 30.50 -2.82
C TYR A 5 6.32 29.62 -1.91
N ASN A 6 6.94 30.23 -0.91
CA ASN A 6 7.65 29.42 0.09
C ASN A 6 6.64 28.58 0.88
N CYS A 7 6.83 27.25 0.86
CA CYS A 7 6.02 26.35 1.69
C CYS A 7 6.16 26.73 3.15
N GLU A 8 5.03 26.77 3.87
CA GLU A 8 5.14 27.08 5.29
C GLU A 8 5.79 25.91 6.02
N GLU A 9 6.11 26.12 7.29
CA GLU A 9 6.79 25.06 7.99
C GLU A 9 5.95 23.77 8.01
N ASN A 10 6.60 22.62 7.75
CA ASN A 10 5.98 21.31 7.97
C ASN A 10 4.66 21.20 7.17
N SER A 11 4.60 21.96 6.08
CA SER A 11 3.41 21.97 5.25
C SER A 11 3.42 20.78 4.29
N VAL A 12 4.61 20.29 3.94
CA VAL A 12 4.76 19.14 3.06
C VAL A 12 5.75 18.11 3.65
N PRO A 13 5.42 17.45 4.76
CA PRO A 13 6.37 16.51 5.36
C PRO A 13 6.67 15.28 4.49
N TYR A 14 5.87 15.02 3.46
CA TYR A 14 6.13 13.87 2.59
C TYR A 14 7.13 14.17 1.50
N GLN A 15 7.55 15.43 1.34
CA GLN A 15 8.46 15.80 0.28
C GLN A 15 9.86 15.29 0.60
N VAL A 16 10.50 14.67 -0.39
CA VAL A 16 11.90 14.28 -0.30
C VAL A 16 12.62 14.76 -1.56
N SER A 17 13.94 14.75 -1.50
CA SER A 17 14.70 14.97 -2.71
C SER A 17 15.57 13.74 -2.98
N LEU A 18 15.75 13.47 -4.27
CA LEU A 18 16.68 12.50 -4.79
C LEU A 18 17.93 13.23 -5.27
N ASN A 19 19.09 12.66 -4.99
CA ASN A 19 20.37 13.35 -5.09
C ASN A 19 21.46 12.45 -5.63
N SER A 20 22.27 12.99 -6.54
CA SER A 20 23.43 12.31 -7.10
C SER A 20 24.66 13.21 -7.09
N GLY A 21 24.96 13.81 -5.92
CA GLY A 21 25.93 14.87 -5.82
C GLY A 21 25.41 16.25 -6.12
N TYR A 22 24.22 16.34 -6.71
CA TYR A 22 23.41 17.55 -6.72
C TYR A 22 21.94 17.12 -6.59
N HIS A 23 21.09 18.08 -6.27
CA HIS A 23 19.65 17.87 -6.17
C HIS A 23 19.08 17.82 -7.58
N PHE A 24 18.51 16.67 -7.99
CA PHE A 24 18.12 16.58 -9.39
C PHE A 24 16.65 16.25 -9.63
N CYS A 25 15.91 15.76 -8.63
CA CYS A 25 14.48 15.43 -8.69
C CYS A 25 13.87 15.49 -7.31
N GLY A 26 12.54 15.52 -7.26
CA GLY A 26 11.81 15.30 -6.03
C GLY A 26 11.24 13.89 -5.96
N GLY A 27 10.50 13.65 -4.88
CA GLY A 27 9.87 12.34 -4.65
C GLY A 27 8.95 12.46 -3.46
N SER A 28 8.21 11.39 -3.20
CA SER A 28 7.26 11.43 -2.10
C SER A 28 7.39 10.19 -1.22
N LEU A 29 7.44 10.43 0.10
CA LEU A 29 7.47 9.33 1.05
C LEU A 29 6.06 8.74 1.18
N ILE A 30 5.90 7.50 0.73
CA ILE A 30 4.61 6.81 0.76
C ILE A 30 4.60 5.64 1.71
N ASN A 31 5.73 5.33 2.32
CA ASN A 31 5.87 4.26 3.28
C ASN A 31 7.10 4.54 4.10
N GLU A 32 7.15 3.99 5.32
CA GLU A 32 8.30 4.24 6.17
C GLU A 32 9.61 3.97 5.42
N GLN A 33 9.60 3.08 4.43
CA GLN A 33 10.82 2.80 3.67
C GLN A 33 10.67 3.01 2.17
N TRP A 34 9.64 3.72 1.70
CA TRP A 34 9.60 3.82 0.25
C TRP A 34 9.20 5.22 -0.24
N VAL A 35 9.88 5.64 -1.30
CA VAL A 35 9.66 6.91 -1.99
C VAL A 35 9.23 6.57 -3.42
N VAL A 36 8.28 7.34 -3.95
CA VAL A 36 7.89 7.26 -5.35
C VAL A 36 8.25 8.55 -6.10
N SER A 37 8.79 8.39 -7.33
CA SER A 37 9.20 9.49 -8.20
C SER A 37 8.91 9.10 -9.66
N ALA A 38 9.50 9.84 -10.60
CA ALA A 38 9.33 9.61 -12.03
C ALA A 38 10.41 8.69 -12.58
N GLY A 39 10.04 7.93 -13.62
CA GLY A 39 10.99 7.01 -14.26
C GLY A 39 12.19 7.68 -14.90
N HIS A 40 12.02 8.89 -15.45
CA HIS A 40 13.17 9.57 -16.04
C HIS A 40 14.17 10.04 -15.00
N CYS A 41 13.82 9.98 -13.72
CA CYS A 41 14.75 10.32 -12.66
C CYS A 41 15.67 9.16 -12.32
N TYR A 42 15.56 8.03 -13.02
CA TYR A 42 16.38 6.88 -12.68
C TYR A 42 17.85 7.25 -12.78
N LYS A 43 18.62 6.80 -11.79
CA LYS A 43 20.07 6.82 -11.82
C LYS A 43 20.54 5.58 -11.08
N SER A 44 21.78 5.17 -11.36
CA SER A 44 22.26 3.92 -10.79
C SER A 44 22.58 4.00 -9.32
N ARG A 45 22.81 5.20 -8.80
CA ARG A 45 23.01 5.46 -7.38
C ARG A 45 22.26 6.71 -7.00
N ILE A 46 21.52 6.69 -5.89
CA ILE A 46 20.68 7.82 -5.51
C ILE A 46 20.71 7.94 -4.00
N GLN A 47 20.94 9.14 -3.49
CA GLN A 47 20.78 9.45 -2.08
C GLN A 47 19.48 10.22 -1.87
N VAL A 48 18.64 9.72 -0.99
CA VAL A 48 17.38 10.38 -0.64
C VAL A 48 17.60 11.27 0.58
N ARG A 49 17.10 12.51 0.50
CA ARG A 49 17.12 13.41 1.64
C ARG A 49 15.68 13.74 2.03
N LEU A 50 15.36 13.61 3.32
CA LEU A 50 14.01 13.86 3.82
C LEU A 50 13.95 14.98 4.84
N GLY A 51 12.76 15.56 4.98
CA GLY A 51 12.61 16.64 5.95
C GLY A 51 13.34 17.93 5.65
N GLU A 52 13.66 18.24 4.40
CA GLU A 52 14.28 19.53 4.14
C GLU A 52 13.24 20.62 3.91
N HIS A 53 13.68 21.87 4.07
CA HIS A 53 12.95 23.04 3.60
C HIS A 53 13.91 23.96 2.87
N ASN A 54 14.91 24.45 3.60
CA ASN A 54 16.04 25.12 3.00
C ASN A 54 17.07 24.08 2.60
N ILE A 55 17.36 24.01 1.30
CA ILE A 55 18.21 22.93 0.79
C ILE A 55 19.67 23.30 0.90
N GLU A 56 19.99 24.57 1.19
CA GLU A 56 21.38 24.97 1.37
C GLU A 56 21.78 25.12 2.83
N VAL A 57 20.83 25.34 3.74
CA VAL A 57 21.15 25.60 5.13
C VAL A 57 20.44 24.56 5.99
N LEU A 58 21.20 23.67 6.63
CA LEU A 58 20.61 22.66 7.48
C LEU A 58 19.85 23.31 8.63
N GLU A 59 18.66 22.78 8.91
CA GLU A 59 17.85 23.27 10.01
C GLU A 59 17.84 22.28 11.15
N GLY A 60 18.28 21.04 10.91
CA GLY A 60 18.62 20.11 11.95
C GLY A 60 17.84 18.82 11.94
N ASN A 61 16.74 18.76 11.19
CA ASN A 61 15.84 17.62 11.16
C ASN A 61 15.93 16.83 9.87
N GLU A 62 16.94 17.13 9.06
CA GLU A 62 17.20 16.41 7.84
C GLU A 62 17.60 14.97 8.12
N GLN A 63 17.16 14.07 7.24
CA GLN A 63 17.64 12.69 7.25
C GLN A 63 18.23 12.38 5.88
N PHE A 64 19.41 11.78 5.88
CA PHE A 64 20.14 11.41 4.67
C PHE A 64 20.14 9.89 4.61
N ILE A 65 19.50 9.33 3.57
CA ILE A 65 19.30 7.89 3.51
C ILE A 65 19.52 7.46 2.07
N ASN A 66 20.55 6.65 1.83
CA ASN A 66 20.82 6.17 0.49
C ASN A 66 19.73 5.19 0.05
N ALA A 67 19.47 5.14 -1.25
CA ALA A 67 18.50 4.19 -1.77
C ALA A 67 19.12 2.80 -1.69
N ALA A 68 18.37 1.84 -1.13
CA ALA A 68 18.79 0.43 -1.14
C ALA A 68 18.45 -0.30 -2.43
N LYS A 69 17.27 -0.02 -2.98
CA LYS A 69 16.78 -0.68 -4.18
C LYS A 69 16.19 0.45 -5.00
N ILE A 70 16.40 0.43 -6.30
CA ILE A 70 15.89 1.47 -7.19
C ILE A 70 15.19 0.83 -8.37
N ILE A 71 13.87 0.99 -8.44
CA ILE A 71 13.02 0.19 -9.33
C ILE A 71 12.26 1.13 -10.27
N ARG A 72 12.78 1.28 -11.48
CA ARG A 72 12.05 1.96 -12.54
C ARG A 72 10.93 1.07 -13.08
N HIS A 73 9.79 1.69 -13.40
CA HIS A 73 8.65 0.91 -13.88
C HIS A 73 9.07 0.01 -15.04
N PRO A 74 8.67 -1.26 -15.04
CA PRO A 74 9.21 -2.21 -16.03
C PRO A 74 8.77 -1.92 -17.45
N GLN A 75 7.70 -1.13 -17.66
CA GLN A 75 7.30 -0.68 -18.99
C GLN A 75 7.58 0.81 -19.22
N TYR A 76 8.49 1.40 -18.45
CA TYR A 76 8.92 2.77 -18.72
C TYR A 76 9.30 2.95 -20.18
N ASP A 77 8.79 4.02 -20.79
CA ASP A 77 9.07 4.36 -22.19
C ASP A 77 9.83 5.69 -22.21
N ARG A 78 11.12 5.62 -22.54
CA ARG A 78 11.92 6.84 -22.52
C ARG A 78 11.48 7.83 -23.60
N LYS A 79 10.92 7.35 -24.71
CA LYS A 79 10.60 8.26 -25.80
C LYS A 79 9.26 8.93 -25.64
N THR A 80 8.29 8.27 -25.01
CA THR A 80 6.98 8.87 -24.82
C THR A 80 6.72 9.28 -23.38
N LEU A 81 7.51 8.76 -22.43
CA LEU A 81 7.35 8.94 -20.99
C LEU A 81 6.09 8.28 -20.45
N ASN A 82 5.47 7.40 -21.22
CA ASN A 82 4.41 6.60 -20.62
C ASN A 82 4.99 5.70 -19.53
N ASN A 83 4.25 5.57 -18.44
CA ASN A 83 4.69 4.86 -17.23
C ASN A 83 5.94 5.50 -16.61
N ASP A 84 5.93 6.84 -16.54
CA ASP A 84 7.05 7.60 -15.97
C ASP A 84 6.86 7.60 -14.45
N ILE A 85 7.17 6.45 -13.84
CA ILE A 85 7.01 6.27 -12.40
C ILE A 85 8.11 5.35 -11.90
N MET A 86 8.46 5.49 -10.62
CA MET A 86 9.61 4.78 -10.09
C MET A 86 9.45 4.59 -8.60
N LEU A 87 9.89 3.44 -8.09
CA LEU A 87 9.92 3.22 -6.65
C LEU A 87 11.36 3.16 -6.13
N ILE A 88 11.53 3.66 -4.91
CA ILE A 88 12.81 3.66 -4.20
C ILE A 88 12.59 3.10 -2.81
N LYS A 89 13.34 2.05 -2.47
CA LYS A 89 13.35 1.51 -1.13
C LYS A 89 14.51 2.15 -0.35
N LEU A 90 14.20 2.84 0.74
CA LEU A 90 15.25 3.42 1.58
C LEU A 90 16.02 2.29 2.28
N SER A 91 17.33 2.49 2.45
CA SER A 91 18.16 1.47 3.09
C SER A 91 17.98 1.39 4.60
N SER A 92 17.35 2.38 5.21
CA SER A 92 16.87 2.31 6.59
C SER A 92 15.54 3.04 6.61
N ARG A 93 14.76 2.84 7.67
CA ARG A 93 13.43 3.44 7.72
C ARG A 93 13.48 4.87 8.20
N ALA A 94 12.70 5.74 7.56
CA ALA A 94 12.66 7.13 7.98
C ALA A 94 12.13 7.21 9.42
N VAL A 95 12.68 8.14 10.20
CA VAL A 95 12.09 8.47 11.49
C VAL A 95 10.89 9.37 11.26
N ILE A 96 9.72 8.96 11.74
CA ILE A 96 8.50 9.73 11.52
C ILE A 96 8.34 10.75 12.63
N ASN A 97 8.15 12.00 12.25
CA ASN A 97 7.90 13.09 13.18
C ASN A 97 7.03 14.12 12.47
N ALA A 98 7.05 15.35 12.96
CA ALA A 98 6.23 16.39 12.38
C ALA A 98 6.76 16.84 11.02
N ARG A 99 8.07 16.68 10.78
CA ARG A 99 8.65 17.10 9.50
C ARG A 99 8.94 15.96 8.54
N VAL A 100 8.79 14.71 8.93
CA VAL A 100 8.98 13.61 8.01
C VAL A 100 7.84 12.64 8.22
N SER A 101 6.95 12.53 7.24
CA SER A 101 5.86 11.56 7.38
C SER A 101 5.36 11.21 6.00
N THR A 102 4.53 10.16 5.95
CA THR A 102 4.14 9.55 4.69
C THR A 102 2.89 10.24 4.17
N ILE A 103 2.57 9.99 2.90
CA ILE A 103 1.33 10.47 2.29
C ILE A 103 0.59 9.31 1.65
N SER A 104 -0.74 9.29 1.80
CA SER A 104 -1.56 8.20 1.28
C SER A 104 -1.61 8.24 -0.24
N LEU A 105 -1.74 7.06 -0.84
CA LEU A 105 -2.04 6.91 -2.26
C LEU A 105 -3.51 7.23 -2.53
N PRO A 106 -3.88 7.49 -3.78
CA PRO A 106 -5.26 7.92 -4.06
C PRO A 106 -6.24 6.76 -4.19
N THR A 107 -7.42 6.98 -3.61
CA THR A 107 -8.53 6.03 -3.60
C THR A 107 -9.44 6.24 -4.79
N ALA A 108 -9.14 7.23 -5.63
CA ALA A 108 -9.90 7.47 -6.83
C ALA A 108 -9.04 8.28 -7.79
N PRO A 109 -9.31 8.20 -9.08
CA PRO A 109 -8.48 8.89 -10.03
C PRO A 109 -8.70 10.38 -9.86
N PRO A 110 -7.85 11.19 -10.43
CA PRO A 110 -8.03 12.64 -10.32
C PRO A 110 -9.41 13.07 -10.79
N ALA A 111 -9.96 14.06 -10.12
CA ALA A 111 -11.26 14.58 -10.48
C ALA A 111 -11.05 15.98 -11.00
N THR A 112 -11.62 16.23 -12.16
CA THR A 112 -11.48 17.53 -12.80
C THR A 112 -11.92 18.65 -11.86
N GLY A 113 -11.02 19.64 -11.72
CA GLY A 113 -11.27 20.83 -10.93
C GLY A 113 -10.79 20.80 -9.49
N THR A 114 -10.49 19.64 -8.92
CA THR A 114 -9.96 19.59 -7.55
C THR A 114 -8.65 20.38 -7.44
N LYS A 115 -8.52 21.10 -6.34
CA LYS A 115 -7.31 21.84 -6.04
C LYS A 115 -6.23 20.94 -5.44
N CYS A 116 -5.02 21.09 -5.97
CA CYS A 116 -3.88 20.28 -5.57
C CYS A 116 -2.74 21.20 -5.18
N LEU A 117 -1.84 20.69 -4.35
CA LEU A 117 -0.65 21.43 -3.96
C LEU A 117 0.54 20.72 -4.57
N ILE A 118 1.32 21.44 -5.37
CA ILE A 118 2.50 20.91 -6.05
C ILE A 118 3.72 21.59 -5.46
N SER A 119 4.79 20.82 -5.26
CA SER A 119 5.92 21.35 -4.53
C SER A 119 7.24 20.75 -5.02
N GLY A 120 8.30 21.54 -4.87
CA GLY A 120 9.62 21.08 -5.23
C GLY A 120 10.60 22.23 -5.25
N TRP A 121 11.85 21.88 -5.53
CA TRP A 121 12.97 22.81 -5.55
C TRP A 121 13.40 23.11 -6.96
N GLY A 122 12.54 22.88 -7.93
CA GLY A 122 12.86 23.14 -9.32
C GLY A 122 12.91 24.63 -9.64
N ASN A 123 13.10 24.89 -10.93
CA ASN A 123 13.29 26.23 -11.44
C ASN A 123 12.08 27.10 -11.08
N THR A 124 12.35 28.34 -10.68
CA THR A 124 11.31 29.30 -10.38
C THR A 124 11.14 30.33 -11.51
N ALA A 125 11.95 30.24 -12.55
CA ALA A 125 11.90 31.15 -13.68
C ALA A 125 11.40 30.41 -14.92
N SER A 126 10.51 31.08 -15.67
CA SER A 126 10.05 30.56 -16.95
C SER A 126 11.05 30.75 -18.08
N SER A 127 11.96 31.72 -17.97
CA SER A 127 13.07 31.88 -18.90
C SER A 127 14.37 31.89 -18.12
N GLY A 128 15.35 31.10 -18.55
CA GLY A 128 16.59 31.16 -17.81
C GLY A 128 16.65 30.22 -16.64
N ALA A 129 17.47 30.57 -15.64
CA ALA A 129 17.82 29.66 -14.56
C ALA A 129 17.80 30.40 -13.24
N ASP A 130 16.80 30.09 -12.40
CA ASP A 130 16.62 30.69 -11.07
C ASP A 130 16.17 29.56 -10.15
N TYR A 131 17.14 28.87 -9.50
CA TYR A 131 16.75 27.72 -8.70
C TYR A 131 16.76 28.09 -7.21
N PRO A 132 15.66 27.90 -6.46
CA PRO A 132 15.54 28.50 -5.13
C PRO A 132 16.12 27.68 -3.99
N ASP A 133 16.55 28.40 -2.93
CA ASP A 133 16.90 27.77 -1.67
C ASP A 133 15.69 27.21 -0.94
N GLU A 134 14.61 27.96 -0.91
CA GLU A 134 13.47 27.62 -0.08
C GLU A 134 12.53 26.72 -0.87
N LEU A 135 12.07 25.64 -0.23
CA LEU A 135 11.12 24.75 -0.87
C LEU A 135 9.88 25.50 -1.37
N GLN A 136 9.50 25.22 -2.61
CA GLN A 136 8.43 25.95 -3.27
C GLN A 136 7.14 25.15 -3.32
N CYS A 137 6.03 25.86 -3.18
CA CYS A 137 4.68 25.30 -3.19
C CYS A 137 3.82 26.02 -4.20
N LEU A 138 2.92 25.31 -4.87
CA LEU A 138 1.97 25.93 -5.79
C LEU A 138 0.60 25.27 -5.65
N ASP A 139 -0.46 26.04 -5.36
CA ASP A 139 -1.80 25.48 -5.47
C ASP A 139 -2.28 25.58 -6.90
N ALA A 140 -2.73 24.46 -7.44
CA ALA A 140 -3.17 24.54 -8.81
C ALA A 140 -4.17 23.41 -8.92
N PRO A 141 -5.23 23.61 -9.70
CA PRO A 141 -6.27 22.59 -9.84
C PRO A 141 -5.98 21.69 -11.03
N VAL A 142 -6.56 20.49 -10.94
CA VAL A 142 -6.62 19.52 -12.04
C VAL A 142 -7.43 20.08 -13.21
N LEU A 143 -6.88 19.95 -14.42
CA LEU A 143 -7.58 20.44 -15.60
C LEU A 143 -8.27 19.28 -16.30
N SER A 144 -9.41 19.60 -16.91
CA SER A 144 -10.17 18.60 -17.66
C SER A 144 -9.30 17.97 -18.74
N GLN A 145 -9.65 16.73 -19.03
CA GLN A 145 -9.04 15.91 -20.05
C GLN A 145 -9.35 16.40 -21.45
N ALA A 146 -10.43 17.15 -21.62
CA ALA A 146 -10.65 17.87 -22.85
C ALA A 146 -9.56 18.90 -23.03
N LYS A 147 -9.35 19.70 -21.98
CA LYS A 147 -8.35 20.75 -21.95
C LYS A 147 -6.93 20.19 -22.04
N CYS A 148 -6.66 19.13 -21.28
CA CYS A 148 -5.34 18.48 -21.25
C CYS A 148 -4.90 17.99 -22.62
N GLU A 149 -5.76 17.21 -23.29
CA GLU A 149 -5.39 16.57 -24.56
C GLU A 149 -5.42 17.52 -25.75
N ALA A 150 -6.29 18.54 -25.70
CA ALA A 150 -6.16 19.65 -26.63
C ALA A 150 -4.82 20.34 -26.48
N SER A 151 -4.32 20.44 -25.24
CA SER A 151 -3.03 21.08 -25.00
C SER A 151 -1.87 20.27 -25.56
N TYR A 152 -1.94 18.94 -25.59
CA TYR A 152 -0.84 18.09 -26.05
C TYR A 152 -1.36 17.01 -26.99
N PRO A 153 -1.77 17.38 -28.20
CA PRO A 153 -2.45 16.42 -29.08
C PRO A 153 -1.63 15.17 -29.39
N GLY A 154 -2.26 14.01 -29.17
CA GLY A 154 -1.67 12.73 -29.49
C GLY A 154 -0.61 12.21 -28.55
N LYS A 155 -0.29 12.95 -27.49
CA LYS A 155 0.84 12.56 -26.66
C LYS A 155 0.45 12.24 -25.22
N ILE A 156 -0.82 12.43 -24.86
CA ILE A 156 -1.31 12.10 -23.53
C ILE A 156 -1.95 10.72 -23.54
N THR A 157 -1.24 9.78 -22.92
CA THR A 157 -1.72 8.44 -22.67
C THR A 157 -2.67 8.41 -21.48
N SER A 158 -3.28 7.24 -21.28
CA SER A 158 -4.17 7.03 -20.15
C SER A 158 -3.46 7.12 -18.81
N ASN A 159 -2.12 7.11 -18.76
CA ASN A 159 -1.37 7.23 -17.52
C ASN A 159 -0.96 8.65 -17.19
N MET A 160 -1.53 9.63 -17.90
CA MET A 160 -1.22 11.05 -17.71
C MET A 160 -2.46 11.94 -17.54
N PHE A 161 -2.23 13.10 -16.91
CA PHE A 161 -3.10 14.27 -16.76
C PHE A 161 -2.31 15.56 -16.54
N CYS A 162 -3.08 16.64 -16.60
CA CYS A 162 -2.65 18.02 -16.57
C CYS A 162 -3.14 18.68 -15.29
N VAL A 163 -2.27 19.47 -14.68
CA VAL A 163 -2.59 20.26 -13.51
C VAL A 163 -2.04 21.66 -13.74
N GLY A 164 -2.85 22.66 -13.40
CA GLY A 164 -2.41 24.03 -13.53
C GLY A 164 -3.49 24.95 -14.05
N PHE A 165 -3.06 25.85 -14.92
CA PHE A 165 -3.86 26.94 -15.45
C PHE A 165 -3.55 27.11 -16.92
N LEU A 166 -4.57 27.08 -17.77
CA LEU A 166 -4.33 27.26 -19.19
C LEU A 166 -3.80 28.62 -19.53
N GLU A 167 -3.99 29.60 -18.65
CA GLU A 167 -3.49 30.91 -19.03
C GLU A 167 -1.99 31.04 -18.77
N GLY A 168 -1.38 29.98 -18.20
CA GLY A 168 0.04 29.95 -17.97
C GLY A 168 0.49 30.77 -16.78
N GLY A 169 1.81 30.81 -16.61
CA GLY A 169 2.41 31.62 -15.57
C GLY A 169 2.71 30.90 -14.27
N LYS A 170 2.11 29.73 -14.05
CA LYS A 170 2.27 28.96 -12.83
C LYS A 170 2.35 27.49 -13.26
N ASP A 171 3.43 26.82 -12.88
CA ASP A 171 3.75 25.49 -13.38
C ASP A 171 4.86 24.95 -12.49
N SER A 172 5.12 23.67 -12.67
CA SER A 172 6.33 23.02 -12.23
C SER A 172 7.38 23.16 -13.32
N CYS A 173 8.64 23.01 -12.94
CA CYS A 173 9.71 23.24 -13.89
C CYS A 173 10.83 22.26 -13.58
N GLN A 174 11.90 22.34 -14.37
CA GLN A 174 13.01 21.41 -14.26
C GLN A 174 13.57 21.37 -12.84
N GLY A 175 13.85 20.16 -12.37
CA GLY A 175 14.21 19.98 -10.99
C GLY A 175 13.04 19.60 -10.12
N ASP A 176 11.82 19.74 -10.64
CA ASP A 176 10.62 19.35 -9.92
C ASP A 176 10.14 17.95 -10.29
N ALA A 177 10.65 17.36 -11.38
CA ALA A 177 10.22 16.01 -11.75
C ALA A 177 10.33 15.08 -10.56
N GLY A 178 9.37 14.17 -10.45
CA GLY A 178 9.37 13.27 -9.33
C GLY A 178 8.65 13.80 -8.12
N GLY A 179 8.43 15.12 -8.05
CA GLY A 179 7.79 15.72 -6.93
C GLY A 179 6.31 15.47 -6.92
N PRO A 180 5.66 15.81 -5.81
CA PRO A 180 4.27 15.39 -5.60
C PRO A 180 3.22 16.33 -6.15
N VAL A 181 2.10 15.72 -6.54
CA VAL A 181 0.88 16.45 -6.78
C VAL A 181 -0.13 15.82 -5.83
N VAL A 182 -0.50 16.58 -4.80
CA VAL A 182 -1.26 16.10 -3.66
C VAL A 182 -2.60 16.83 -3.63
N CYS A 183 -3.71 16.08 -3.63
CA CYS A 183 -5.03 16.67 -3.73
C CYS A 183 -5.88 16.04 -2.64
N ASN A 184 -6.29 16.84 -1.66
CA ASN A 184 -7.18 16.41 -0.59
C ASN A 184 -6.54 15.21 0.14
N GLY A 185 -5.24 15.32 0.43
CA GLY A 185 -4.56 14.28 1.18
C GLY A 185 -4.16 13.00 0.47
N GLN A 186 -4.20 12.97 -0.87
CA GLN A 186 -3.81 11.78 -1.64
C GLN A 186 -2.80 12.17 -2.71
N LEU A 187 -1.83 11.29 -2.94
CA LEU A 187 -0.84 11.51 -3.99
C LEU A 187 -1.47 11.20 -5.34
N GLN A 188 -2.06 12.21 -5.97
CA GLN A 188 -2.66 11.93 -7.26
C GLN A 188 -1.68 11.98 -8.42
N GLY A 189 -0.57 12.70 -8.30
CA GLY A 189 0.27 12.93 -9.46
C GLY A 189 1.74 13.00 -9.13
N VAL A 190 2.56 12.69 -10.13
CA VAL A 190 4.01 12.85 -10.06
C VAL A 190 4.42 13.80 -11.17
N VAL A 191 5.27 14.77 -10.85
CA VAL A 191 5.75 15.72 -11.85
C VAL A 191 6.51 14.97 -12.92
N SER A 192 6.11 15.15 -14.18
CA SER A 192 6.67 14.36 -15.28
C SER A 192 7.26 15.27 -16.36
N TRP A 193 6.43 15.91 -17.19
CA TRP A 193 6.95 16.69 -18.28
C TRP A 193 5.99 17.83 -18.64
N GLY A 194 6.46 18.69 -19.54
CA GLY A 194 5.64 19.72 -20.15
C GLY A 194 6.42 20.37 -21.27
N ASP A 195 5.73 21.25 -22.01
CA ASP A 195 6.35 22.07 -23.05
C ASP A 195 6.91 23.33 -22.40
N GLY A 196 8.18 23.27 -21.99
CA GLY A 196 8.61 24.39 -21.21
C GLY A 196 7.91 24.40 -19.86
N CYS A 197 7.86 25.59 -19.27
CA CYS A 197 7.23 25.80 -17.97
C CYS A 197 6.43 27.10 -17.99
N ALA A 198 5.16 27.00 -17.58
CA ALA A 198 4.30 28.17 -17.39
C ALA A 198 4.03 28.94 -18.67
N GLN A 199 4.00 28.25 -19.80
CA GLN A 199 3.59 28.89 -21.04
C GLN A 199 2.09 28.80 -21.22
N LYS A 200 1.55 29.78 -21.98
CA LYS A 200 0.18 29.71 -22.43
C LYS A 200 -0.10 28.34 -23.04
N ASN A 201 -1.22 27.73 -22.64
CA ASN A 201 -1.75 26.52 -23.27
C ASN A 201 -0.78 25.34 -23.18
N LYS A 202 0.18 25.41 -22.26
CA LYS A 202 1.10 24.31 -21.99
C LYS A 202 1.26 24.02 -20.51
N PRO A 203 0.20 23.52 -19.86
CA PRO A 203 0.30 23.16 -18.44
C PRO A 203 1.13 21.92 -18.21
N GLY A 204 1.60 21.75 -16.97
CA GLY A 204 2.33 20.56 -16.62
C GLY A 204 1.48 19.32 -16.77
N VAL A 205 2.11 18.22 -17.17
CA VAL A 205 1.45 16.92 -17.26
C VAL A 205 2.03 16.03 -16.17
N TYR A 206 1.19 15.27 -15.49
CA TYR A 206 1.66 14.58 -14.31
C TYR A 206 1.23 13.12 -14.38
N THR A 207 2.06 12.22 -13.84
CA THR A 207 1.66 10.82 -13.85
C THR A 207 0.55 10.58 -12.84
N LYS A 208 -0.52 9.89 -13.27
CA LYS A 208 -1.69 9.63 -12.44
C LYS A 208 -1.47 8.44 -11.53
N VAL A 209 -1.13 8.71 -10.27
CA VAL A 209 -0.68 7.64 -9.38
C VAL A 209 -1.75 6.57 -9.24
N TYR A 210 -3.04 6.92 -9.30
CA TYR A 210 -4.09 5.93 -9.09
C TYR A 210 -3.93 4.72 -10.00
N ASN A 211 -3.42 4.92 -11.23
CA ASN A 211 -3.31 3.79 -12.15
C ASN A 211 -2.21 2.80 -11.78
N TYR A 212 -1.41 3.11 -10.76
CA TYR A 212 -0.28 2.28 -10.36
C TYR A 212 -0.41 1.83 -8.92
N VAL A 213 -1.57 2.09 -8.31
CA VAL A 213 -1.80 1.79 -6.90
C VAL A 213 -1.51 0.34 -6.62
N LYS A 214 -1.98 -0.52 -7.52
CA LYS A 214 -1.89 -1.96 -7.38
C LYS A 214 -0.47 -2.45 -7.57
N TRP A 215 0.20 -1.91 -8.58
CA TRP A 215 1.60 -2.22 -8.84
C TRP A 215 2.50 -1.76 -7.71
N ILE A 216 2.19 -0.61 -7.12
CA ILE A 216 3.05 -0.06 -6.06
C ILE A 216 3.06 -0.99 -4.86
N LYS A 217 1.86 -1.33 -4.35
CA LYS A 217 1.81 -2.20 -3.18
C LYS A 217 2.45 -3.56 -3.49
N ASN A 218 2.09 -4.15 -4.64
CA ASN A 218 2.63 -5.45 -5.03
C ASN A 218 4.15 -5.42 -5.15
N THR A 219 4.69 -4.37 -5.80
CA THR A 219 6.14 -4.32 -5.99
C THR A 219 6.85 -4.08 -4.68
N ILE A 220 6.26 -3.26 -3.81
CA ILE A 220 6.80 -3.03 -2.47
C ILE A 220 6.79 -4.32 -1.66
N ALA A 221 5.65 -5.01 -1.66
CA ALA A 221 5.52 -6.25 -0.90
C ALA A 221 6.58 -7.27 -1.29
N ALA A 222 6.85 -7.42 -2.59
CA ALA A 222 7.81 -8.44 -3.01
C ALA A 222 9.22 -8.11 -2.51
N ASN A 223 9.53 -6.84 -2.24
CA ASN A 223 10.88 -6.46 -1.83
C ASN A 223 10.95 -6.05 -0.37
N SER A 224 10.03 -6.54 0.46
CA SER A 224 10.05 -6.22 1.89
C SER A 224 10.54 -7.44 2.68
N ILE B 1 -16.22 -10.27 6.98
CA ILE B 1 -17.36 -9.96 7.84
C ILE B 1 -18.66 -9.79 7.07
N VAL B 2 -19.61 -10.70 7.29
CA VAL B 2 -20.92 -10.61 6.65
C VAL B 2 -21.82 -9.74 7.51
N GLY B 3 -22.44 -8.75 6.90
CA GLY B 3 -23.41 -7.91 7.60
C GLY B 3 -22.79 -6.96 8.59
N GLY B 4 -21.53 -6.63 8.43
CA GLY B 4 -20.83 -5.71 9.29
C GLY B 4 -20.74 -4.33 8.66
N TYR B 5 -19.70 -3.60 9.05
CA TYR B 5 -19.54 -2.23 8.60
C TYR B 5 -18.06 -1.88 8.47
N ASN B 6 -17.79 -0.82 7.71
CA ASN B 6 -16.43 -0.32 7.55
C ASN B 6 -15.86 0.15 8.86
N CYS B 7 -14.73 -0.44 9.28
CA CYS B 7 -14.09 0.03 10.51
C CYS B 7 -13.74 1.50 10.37
N GLU B 8 -14.17 2.26 11.36
CA GLU B 8 -13.80 3.65 11.52
C GLU B 8 -12.30 3.81 11.71
N GLU B 9 -11.80 4.95 11.26
CA GLU B 9 -10.40 5.27 11.40
C GLU B 9 -9.96 5.20 12.87
N ASN B 10 -8.79 4.58 13.08
CA ASN B 10 -8.12 4.40 14.36
C ASN B 10 -8.81 3.40 15.28
N SER B 11 -9.61 2.48 14.75
CA SER B 11 -10.34 1.60 15.66
C SER B 11 -9.75 0.21 15.88
N VAL B 12 -8.98 -0.33 14.94
CA VAL B 12 -8.45 -1.67 15.20
C VAL B 12 -6.96 -1.76 14.88
N PRO B 13 -6.13 -1.03 15.63
CA PRO B 13 -4.69 -0.97 15.29
C PRO B 13 -3.93 -2.26 15.57
N TYR B 14 -4.54 -3.22 16.24
CA TYR B 14 -3.92 -4.51 16.49
C TYR B 14 -4.16 -5.49 15.35
N GLN B 15 -5.02 -5.12 14.41
CA GLN B 15 -5.33 -6.01 13.30
C GLN B 15 -4.10 -6.10 12.39
N VAL B 16 -3.78 -7.30 11.94
CA VAL B 16 -2.71 -7.48 10.97
C VAL B 16 -3.21 -8.43 9.92
N SER B 17 -2.43 -8.53 8.86
CA SER B 17 -2.66 -9.49 7.79
C SER B 17 -1.46 -10.41 7.63
N LEU B 18 -1.74 -11.65 7.29
CA LEU B 18 -0.72 -12.62 6.88
C LEU B 18 -0.86 -12.90 5.40
N ASN B 19 0.24 -12.79 4.69
CA ASN B 19 0.29 -12.85 3.24
C ASN B 19 1.32 -13.87 2.84
N SER B 20 0.86 -14.83 2.04
CA SER B 20 1.73 -15.88 1.50
C SER B 20 1.04 -16.39 0.22
N GLY B 21 1.32 -15.73 -0.89
CA GLY B 21 0.78 -16.08 -2.20
C GLY B 21 -0.73 -15.88 -2.30
N TYR B 22 -1.46 -16.90 -2.74
CA TYR B 22 -2.93 -16.82 -2.75
C TYR B 22 -3.57 -17.04 -1.38
N HIS B 23 -2.79 -17.49 -0.40
CA HIS B 23 -3.29 -17.80 0.94
C HIS B 23 -3.33 -16.51 1.76
N PHE B 24 -4.43 -16.29 2.47
CA PHE B 24 -4.70 -15.07 3.24
C PHE B 24 -5.38 -15.37 4.56
N CYS B 25 -4.92 -14.71 5.62
CA CYS B 25 -5.54 -14.82 6.93
C CYS B 25 -5.44 -13.51 7.69
N GLY B 26 -6.21 -13.40 8.78
CA GLY B 26 -6.02 -12.34 9.73
C GLY B 26 -5.12 -12.74 10.88
N GLY B 27 -4.84 -11.76 11.74
CA GLY B 27 -3.99 -12.01 12.90
C GLY B 27 -4.05 -10.82 13.82
N SER B 28 -3.42 -10.98 14.98
CA SER B 28 -3.46 -9.91 15.96
C SER B 28 -2.08 -9.68 16.55
N LEU B 29 -1.70 -8.41 16.65
CA LEU B 29 -0.41 -8.03 17.21
C LEU B 29 -0.54 -7.96 18.72
N ILE B 30 0.15 -8.86 19.41
CA ILE B 30 0.10 -8.96 20.87
C ILE B 30 1.41 -8.56 21.53
N ASN B 31 2.45 -8.30 20.77
CA ASN B 31 3.74 -7.85 21.26
C ASN B 31 4.40 -7.08 20.13
N GLU B 32 5.33 -6.20 20.46
CA GLU B 32 5.97 -5.44 19.40
C GLU B 32 6.57 -6.36 18.33
N GLN B 33 6.84 -7.62 18.67
CA GLN B 33 7.41 -8.54 17.70
C GLN B 33 6.64 -9.85 17.54
N TRP B 34 5.41 -9.97 18.08
CA TRP B 34 4.68 -11.22 17.94
C TRP B 34 3.23 -11.02 17.55
N VAL B 35 2.75 -11.90 16.66
CA VAL B 35 1.37 -11.95 16.20
C VAL B 35 0.80 -13.30 16.57
N VAL B 36 -0.48 -13.33 16.97
CA VAL B 36 -1.15 -14.59 17.21
C VAL B 36 -2.22 -14.79 16.13
N SER B 37 -2.32 -16.03 15.66
CA SER B 37 -3.23 -16.33 14.56
C SER B 37 -3.81 -17.75 14.72
N ALA B 38 -4.36 -18.26 13.63
CA ALA B 38 -4.95 -19.58 13.62
C ALA B 38 -3.92 -20.61 13.17
N GLY B 39 -4.01 -21.80 13.77
CA GLY B 39 -3.12 -22.89 13.37
C GLY B 39 -3.30 -23.28 11.91
N HIS B 40 -4.54 -23.25 11.44
CA HIS B 40 -4.84 -23.57 10.06
C HIS B 40 -4.26 -22.56 9.07
N CYS B 41 -3.81 -21.38 9.54
CA CYS B 41 -3.15 -20.41 8.69
C CYS B 41 -1.68 -20.70 8.43
N TYR B 42 -1.12 -21.78 8.95
CA TYR B 42 0.31 -22.05 8.74
C TYR B 42 0.68 -22.14 7.26
N LYS B 43 1.78 -21.48 6.92
CA LYS B 43 2.57 -21.72 5.71
C LYS B 43 4.03 -21.36 5.94
N SER B 44 4.90 -21.99 5.16
CA SER B 44 6.33 -21.94 5.43
C SER B 44 6.91 -20.53 5.24
N ARG B 45 6.36 -19.75 4.31
CA ARG B 45 6.74 -18.35 4.17
C ARG B 45 5.49 -17.49 4.36
N ILE B 46 5.55 -16.56 5.28
CA ILE B 46 4.44 -15.66 5.57
C ILE B 46 5.01 -14.27 5.69
N GLN B 47 4.39 -13.30 5.02
CA GLN B 47 4.70 -11.91 5.27
C GLN B 47 3.55 -11.28 6.03
N VAL B 48 3.86 -10.70 7.16
CA VAL B 48 2.86 -10.02 7.98
C VAL B 48 2.80 -8.57 7.55
N ARG B 49 1.60 -8.02 7.46
CA ARG B 49 1.42 -6.62 7.11
C ARG B 49 0.56 -5.94 8.17
N LEU B 50 1.01 -4.78 8.61
CA LEU B 50 0.39 -4.05 9.71
C LEU B 50 -0.05 -2.67 9.26
N GLY B 51 -1.06 -2.15 9.96
CA GLY B 51 -1.56 -0.81 9.69
C GLY B 51 -2.38 -0.64 8.43
N GLU B 52 -2.90 -1.72 7.85
CA GLU B 52 -3.82 -1.59 6.72
C GLU B 52 -5.25 -1.29 7.16
N HIS B 53 -5.87 -0.32 6.51
N HIS B 53 -5.86 -0.31 6.51
CA HIS B 53 -7.32 -0.15 6.56
CA HIS B 53 -7.30 -0.10 6.55
C HIS B 53 -7.97 -0.45 5.23
C HIS B 53 -7.95 -0.46 5.23
N ASN B 54 -7.31 -0.10 4.13
CA ASN B 54 -7.72 -0.42 2.76
C ASN B 54 -6.63 -1.29 2.15
N ILE B 55 -6.93 -2.56 1.85
CA ILE B 55 -5.87 -3.45 1.37
C ILE B 55 -5.51 -3.17 -0.07
N GLU B 56 -6.29 -2.35 -0.78
CA GLU B 56 -5.90 -2.05 -2.16
C GLU B 56 -5.01 -0.82 -2.27
N VAL B 57 -5.23 0.20 -1.45
CA VAL B 57 -4.57 1.48 -1.62
C VAL B 57 -3.73 1.73 -0.37
N LEU B 58 -2.42 1.79 -0.54
CA LEU B 58 -1.59 2.13 0.61
C LEU B 58 -2.03 3.49 1.12
N GLU B 59 -2.26 3.60 2.42
CA GLU B 59 -2.63 4.88 2.99
C GLU B 59 -1.44 5.55 3.67
N GLY B 60 -0.31 4.86 3.75
CA GLY B 60 0.94 5.46 4.17
C GLY B 60 1.49 4.90 5.47
N ASN B 61 0.65 4.27 6.28
CA ASN B 61 1.06 3.79 7.59
C ASN B 61 1.26 2.29 7.62
N GLU B 62 1.26 1.64 6.46
CA GLU B 62 1.49 0.21 6.40
C GLU B 62 2.92 -0.14 6.79
N GLN B 63 3.09 -1.29 7.48
CA GLN B 63 4.40 -1.90 7.70
C GLN B 63 4.40 -3.32 7.12
N PHE B 64 5.45 -3.66 6.40
CA PHE B 64 5.61 -4.97 5.78
C PHE B 64 6.76 -5.68 6.49
N ILE B 65 6.46 -6.76 7.22
CA ILE B 65 7.47 -7.43 8.04
C ILE B 65 7.37 -8.94 7.82
N ASN B 66 8.42 -9.55 7.30
CA ASN B 66 8.41 -10.98 7.09
C ASN B 66 8.48 -11.72 8.40
N ALA B 67 7.86 -12.90 8.42
CA ALA B 67 7.90 -13.76 9.59
C ALA B 67 9.29 -14.39 9.73
N ALA B 68 9.88 -14.25 10.92
CA ALA B 68 11.15 -14.93 11.18
C ALA B 68 10.97 -16.33 11.73
N LYS B 69 9.92 -16.57 12.50
CA LYS B 69 9.60 -17.86 13.09
C LYS B 69 8.09 -18.01 13.15
N ILE B 70 7.64 -19.22 12.82
CA ILE B 70 6.23 -19.55 12.75
C ILE B 70 6.04 -20.77 13.61
N ILE B 71 5.26 -20.64 14.68
CA ILE B 71 5.13 -21.66 15.71
C ILE B 71 3.66 -22.02 15.86
N ARG B 72 3.24 -23.11 15.19
CA ARG B 72 1.91 -23.66 15.37
C ARG B 72 1.81 -24.47 16.66
N HIS B 73 0.66 -24.39 17.32
CA HIS B 73 0.49 -25.05 18.62
C HIS B 73 0.79 -26.54 18.48
N PRO B 74 1.52 -27.14 19.42
CA PRO B 74 1.97 -28.53 19.22
C PRO B 74 0.85 -29.56 19.25
N GLN B 75 -0.34 -29.21 19.74
CA GLN B 75 -1.47 -30.13 19.69
C GLN B 75 -2.55 -29.65 18.72
N TYR B 76 -2.23 -28.71 17.83
CA TYR B 76 -3.13 -28.40 16.72
C TYR B 76 -3.59 -29.66 16.02
N ASP B 77 -4.90 -29.82 15.93
CA ASP B 77 -5.54 -31.00 15.36
C ASP B 77 -6.26 -30.62 14.07
N ARG B 78 -5.65 -30.92 12.94
CA ARG B 78 -6.27 -30.46 11.72
C ARG B 78 -7.61 -31.17 11.45
N LYS B 79 -7.91 -32.25 12.19
CA LYS B 79 -9.10 -33.11 12.09
C LYS B 79 -10.26 -32.56 12.92
N THR B 80 -9.99 -32.17 14.17
CA THR B 80 -11.03 -31.68 15.05
C THR B 80 -11.00 -30.17 15.03
N LEU B 81 -9.88 -29.64 14.54
CA LEU B 81 -9.50 -28.24 14.58
C LEU B 81 -9.33 -27.73 16.02
N ASN B 82 -9.18 -28.66 16.98
CA ASN B 82 -8.79 -28.37 18.35
C ASN B 82 -7.39 -27.76 18.44
N ASN B 83 -7.25 -26.78 19.33
CA ASN B 83 -5.98 -26.04 19.50
C ASN B 83 -5.59 -25.33 18.22
N ASP B 84 -6.58 -24.64 17.64
CA ASP B 84 -6.40 -23.94 16.37
C ASP B 84 -5.81 -22.56 16.63
N ILE B 85 -4.50 -22.56 16.91
CA ILE B 85 -3.79 -21.32 17.27
C ILE B 85 -2.31 -21.44 16.88
N MET B 86 -1.68 -20.30 16.65
CA MET B 86 -0.34 -20.19 16.08
C MET B 86 0.24 -18.83 16.44
N LEU B 87 1.55 -18.79 16.69
CA LEU B 87 2.30 -17.57 16.98
C LEU B 87 3.30 -17.31 15.86
N ILE B 88 3.51 -16.03 15.55
CA ILE B 88 4.51 -15.58 14.57
C ILE B 88 5.43 -14.52 15.16
N LYS B 89 6.74 -14.77 15.08
CA LYS B 89 7.76 -13.76 15.42
C LYS B 89 8.13 -12.95 14.19
N LEU B 90 7.95 -11.64 14.28
CA LEU B 90 8.30 -10.74 13.19
C LEU B 90 9.83 -10.63 13.06
N SER B 91 10.33 -10.55 11.82
CA SER B 91 11.76 -10.46 11.60
C SER B 91 12.35 -9.14 12.14
N SER B 92 11.53 -8.11 12.34
CA SER B 92 11.99 -6.90 13.00
C SER B 92 10.90 -6.39 13.92
N ARG B 93 11.29 -5.55 14.87
CA ARG B 93 10.32 -5.06 15.84
C ARG B 93 9.43 -4.04 15.16
N ALA B 94 8.12 -4.17 15.34
CA ALA B 94 7.15 -3.22 14.81
C ALA B 94 7.28 -1.83 15.41
N VAL B 95 7.04 -0.80 14.60
CA VAL B 95 6.95 0.55 15.14
C VAL B 95 5.56 0.75 15.74
N ILE B 96 5.51 1.12 17.01
CA ILE B 96 4.24 1.29 17.72
C ILE B 96 3.81 2.74 17.55
N ASN B 97 2.57 2.97 17.14
CA ASN B 97 2.07 4.33 16.97
C ASN B 97 0.55 4.33 17.11
N ALA B 98 -0.10 5.36 16.55
CA ALA B 98 -1.56 5.43 16.67
C ALA B 98 -2.30 4.37 15.86
N ARG B 99 -1.75 3.96 14.71
CA ARG B 99 -2.37 2.97 13.83
C ARG B 99 -1.90 1.55 14.05
N VAL B 100 -0.74 1.36 14.65
CA VAL B 100 -0.16 0.04 14.82
C VAL B 100 0.22 -0.03 16.28
N SER B 101 -0.52 -0.84 17.02
CA SER B 101 -0.27 -1.03 18.43
C SER B 101 -0.84 -2.39 18.79
N THR B 102 -0.58 -2.80 20.02
CA THR B 102 -0.83 -4.15 20.47
C THR B 102 -2.18 -4.26 21.18
N ILE B 103 -2.67 -5.49 21.26
CA ILE B 103 -3.89 -5.80 21.99
C ILE B 103 -3.52 -6.74 23.12
N SER B 104 -4.08 -6.48 24.30
CA SER B 104 -3.79 -7.24 25.50
C SER B 104 -4.37 -8.64 25.45
N LEU B 105 -3.72 -9.57 26.16
CA LEU B 105 -4.28 -10.91 26.35
C LEU B 105 -5.36 -10.89 27.43
N PRO B 106 -6.21 -11.92 27.51
CA PRO B 106 -7.31 -11.88 28.47
C PRO B 106 -6.92 -12.32 29.87
N THR B 107 -7.52 -11.64 30.85
CA THR B 107 -7.35 -11.92 32.27
C THR B 107 -8.43 -12.84 32.83
N ALA B 108 -9.52 -13.04 32.10
CA ALA B 108 -10.60 -13.94 32.49
C ALA B 108 -11.12 -14.63 31.24
N PRO B 109 -11.68 -15.84 31.37
CA PRO B 109 -12.26 -16.52 30.20
C PRO B 109 -13.40 -15.71 29.65
N PRO B 110 -13.92 -16.06 28.47
CA PRO B 110 -15.04 -15.28 27.95
C PRO B 110 -16.24 -15.46 28.86
N ALA B 111 -17.02 -14.39 29.05
CA ALA B 111 -18.20 -14.50 29.89
C ALA B 111 -19.37 -14.28 28.97
N THR B 112 -20.37 -15.15 29.05
CA THR B 112 -21.47 -15.11 28.08
C THR B 112 -22.25 -13.81 28.19
N GLY B 113 -22.62 -13.27 27.02
CA GLY B 113 -23.35 -12.02 26.87
C GLY B 113 -22.48 -10.78 26.80
N THR B 114 -21.18 -10.92 27.06
CA THR B 114 -20.22 -9.81 26.96
C THR B 114 -20.14 -9.30 25.52
N LYS B 115 -20.00 -7.98 25.35
CA LYS B 115 -19.90 -7.41 24.01
C LYS B 115 -18.49 -7.55 23.43
N CYS B 116 -18.40 -8.01 22.16
CA CYS B 116 -17.13 -8.18 21.49
C CYS B 116 -17.11 -7.50 20.13
N LEU B 117 -15.89 -7.23 19.62
CA LEU B 117 -15.68 -6.61 18.32
C LEU B 117 -14.81 -7.54 17.47
N ILE B 118 -15.35 -8.01 16.33
CA ILE B 118 -14.66 -8.89 15.40
C ILE B 118 -14.40 -8.17 14.09
N SER B 119 -13.23 -8.42 13.51
CA SER B 119 -12.82 -7.67 12.33
C SER B 119 -12.02 -8.56 11.38
N GLY B 120 -12.10 -8.21 10.11
CA GLY B 120 -11.33 -8.88 9.06
C GLY B 120 -11.76 -8.37 7.71
N TRP B 121 -11.02 -8.80 6.69
CA TRP B 121 -11.32 -8.48 5.29
C TRP B 121 -11.97 -9.65 4.56
N GLY B 122 -12.57 -10.59 5.27
CA GLY B 122 -13.18 -11.74 4.65
C GLY B 122 -14.47 -11.41 3.96
N ASN B 123 -15.03 -12.45 3.32
CA ASN B 123 -16.27 -12.31 2.57
C ASN B 123 -17.33 -11.62 3.41
N THR B 124 -18.02 -10.69 2.77
CA THR B 124 -19.15 -10.00 3.39
C THR B 124 -20.51 -10.50 2.88
N ALA B 125 -20.52 -11.47 1.96
CA ALA B 125 -21.74 -12.10 1.44
C ALA B 125 -21.84 -13.54 1.92
N SER B 126 -23.03 -13.94 2.38
CA SER B 126 -23.31 -15.34 2.67
C SER B 126 -23.47 -16.23 1.44
N SER B 127 -23.59 -15.66 0.23
CA SER B 127 -23.82 -16.44 -0.98
C SER B 127 -23.02 -15.79 -2.09
N GLY B 128 -21.89 -16.38 -2.47
CA GLY B 128 -21.07 -15.77 -3.48
C GLY B 128 -19.86 -15.09 -2.91
N ALA B 129 -19.25 -14.27 -3.76
CA ALA B 129 -17.97 -13.63 -3.51
C ALA B 129 -18.17 -12.11 -3.47
N ASP B 130 -17.75 -11.49 -2.37
CA ASP B 130 -17.87 -10.04 -2.21
C ASP B 130 -16.75 -9.69 -1.23
N TYR B 131 -15.60 -9.34 -1.76
CA TYR B 131 -14.50 -9.14 -0.85
C TYR B 131 -14.25 -7.66 -0.71
N PRO B 132 -14.22 -7.11 0.50
CA PRO B 132 -14.18 -5.66 0.64
C PRO B 132 -12.75 -5.15 0.60
N ASP B 133 -12.59 -3.95 0.03
CA ASP B 133 -11.33 -3.25 0.18
C ASP B 133 -11.10 -2.79 1.62
N GLU B 134 -12.15 -2.26 2.28
CA GLU B 134 -12.05 -1.69 3.62
C GLU B 134 -12.26 -2.73 4.71
N LEU B 135 -11.44 -2.65 5.76
CA LEU B 135 -11.61 -3.52 6.91
C LEU B 135 -13.00 -3.40 7.52
N GLN B 136 -13.61 -4.56 7.75
CA GLN B 136 -14.96 -4.63 8.27
C GLN B 136 -14.95 -4.94 9.76
N CYS B 137 -15.95 -4.41 10.47
CA CYS B 137 -16.08 -4.59 11.90
C CYS B 137 -17.47 -5.13 12.22
N LEU B 138 -17.59 -5.86 13.32
CA LEU B 138 -18.90 -6.34 13.73
C LEU B 138 -18.95 -6.51 15.24
N ASP B 139 -19.93 -5.87 15.89
CA ASP B 139 -20.21 -6.10 17.30
C ASP B 139 -21.18 -7.27 17.41
N ALA B 140 -20.80 -8.26 18.22
CA ALA B 140 -21.58 -9.48 18.37
C ALA B 140 -21.30 -10.05 19.74
N PRO B 141 -22.28 -10.66 20.39
CA PRO B 141 -22.03 -11.09 21.77
C PRO B 141 -21.60 -12.53 21.88
N VAL B 142 -20.87 -12.80 22.95
CA VAL B 142 -20.51 -14.16 23.32
C VAL B 142 -21.78 -14.89 23.73
N LEU B 143 -22.06 -15.98 23.04
CA LEU B 143 -23.23 -16.82 23.22
C LEU B 143 -22.99 -17.83 24.32
N SER B 144 -24.09 -18.39 24.84
CA SER B 144 -23.95 -19.25 26.00
C SER B 144 -23.26 -20.55 25.60
N GLN B 145 -22.59 -21.14 26.57
CA GLN B 145 -21.92 -22.41 26.35
C GLN B 145 -22.93 -23.46 25.93
N ALA B 146 -24.15 -23.33 26.44
CA ALA B 146 -25.22 -24.25 26.08
C ALA B 146 -25.61 -24.08 24.61
N LYS B 147 -25.82 -22.83 24.16
CA LYS B 147 -26.19 -22.64 22.76
C LYS B 147 -25.07 -23.04 21.81
N CYS B 148 -23.82 -22.82 22.20
CA CYS B 148 -22.73 -23.16 21.30
C CYS B 148 -22.66 -24.68 21.13
N GLU B 149 -22.73 -25.41 22.26
CA GLU B 149 -22.74 -26.88 22.21
C GLU B 149 -23.91 -27.41 21.44
N ALA B 150 -25.10 -26.81 21.62
CA ALA B 150 -26.24 -27.30 20.87
C ALA B 150 -26.13 -26.99 19.38
N SER B 151 -25.56 -25.83 19.03
CA SER B 151 -25.43 -25.47 17.63
C SER B 151 -24.47 -26.40 16.88
N TYR B 152 -23.38 -26.83 17.53
CA TYR B 152 -22.41 -27.76 16.96
C TYR B 152 -22.33 -28.90 17.95
N PRO B 153 -23.28 -29.81 17.91
CA PRO B 153 -23.32 -30.90 18.90
C PRO B 153 -22.05 -31.73 18.94
N GLY B 154 -21.51 -31.85 20.15
CA GLY B 154 -20.39 -32.69 20.49
C GLY B 154 -19.05 -32.33 19.90
N LYS B 155 -18.94 -31.24 19.13
CA LYS B 155 -17.66 -31.00 18.48
C LYS B 155 -16.94 -29.75 19.00
N ILE B 156 -17.56 -28.95 19.85
CA ILE B 156 -16.90 -27.75 20.36
C ILE B 156 -16.23 -28.17 21.66
N THR B 157 -14.91 -28.00 21.70
CA THR B 157 -14.15 -28.34 22.89
C THR B 157 -14.03 -27.16 23.82
N SER B 158 -13.46 -27.45 24.99
CA SER B 158 -13.27 -26.43 25.99
C SER B 158 -12.33 -25.34 25.50
N ASN B 159 -11.59 -25.59 24.42
CA ASN B 159 -10.74 -24.57 23.82
C ASN B 159 -11.43 -23.83 22.68
N MET B 160 -12.76 -23.96 22.55
CA MET B 160 -13.54 -23.24 21.55
C MET B 160 -14.75 -22.59 22.23
N PHE B 161 -15.27 -21.53 21.61
CA PHE B 161 -16.54 -20.92 22.03
C PHE B 161 -17.18 -20.18 20.85
N CYS B 162 -18.46 -19.83 21.03
CA CYS B 162 -19.25 -19.21 19.97
C CYS B 162 -19.56 -17.74 20.30
N VAL B 163 -19.48 -16.90 19.28
CA VAL B 163 -19.85 -15.48 19.37
C VAL B 163 -20.67 -15.12 18.13
N GLY B 164 -21.77 -14.39 18.33
CA GLY B 164 -22.61 -13.95 17.24
C GLY B 164 -24.11 -13.96 17.53
N PHE B 165 -24.90 -14.43 16.57
CA PHE B 165 -26.36 -14.37 16.61
C PHE B 165 -26.92 -15.63 15.99
N LEU B 166 -27.80 -16.29 16.75
CA LEU B 166 -28.44 -17.51 16.26
C LEU B 166 -29.42 -17.19 15.14
N GLU B 167 -29.94 -15.97 15.09
CA GLU B 167 -30.86 -15.60 14.02
C GLU B 167 -30.14 -15.25 12.73
N GLY B 168 -28.81 -15.35 12.71
CA GLY B 168 -28.07 -15.30 11.45
C GLY B 168 -28.05 -13.90 10.89
N GLY B 169 -27.08 -13.61 10.03
CA GLY B 169 -26.98 -12.34 9.34
C GLY B 169 -25.73 -11.57 9.70
N LYS B 170 -25.19 -11.81 10.90
CA LYS B 170 -23.94 -11.21 11.29
C LYS B 170 -23.02 -12.34 11.72
N ASP B 171 -21.84 -12.41 11.12
CA ASP B 171 -20.94 -13.55 11.27
C ASP B 171 -19.60 -13.22 10.63
N SER B 172 -18.59 -14.02 10.97
CA SER B 172 -17.33 -14.06 10.25
C SER B 172 -17.40 -15.10 9.14
N CYS B 173 -16.50 -14.97 8.16
CA CYS B 173 -16.59 -15.76 6.94
C CYS B 173 -15.17 -16.05 6.46
N GLN B 174 -15.08 -16.72 5.30
CA GLN B 174 -13.79 -17.08 4.74
C GLN B 174 -12.97 -15.82 4.47
N GLY B 175 -11.70 -15.84 4.89
CA GLY B 175 -10.85 -14.67 4.83
C GLY B 175 -10.68 -13.95 6.16
N ASP B 176 -11.54 -14.22 7.14
CA ASP B 176 -11.48 -13.65 8.47
C ASP B 176 -10.66 -14.51 9.45
N ALA B 177 -10.32 -15.74 9.09
CA ALA B 177 -9.64 -16.62 10.05
C ALA B 177 -8.32 -16.01 10.54
N GLY B 178 -8.01 -16.28 11.80
CA GLY B 178 -6.87 -15.68 12.46
C GLY B 178 -7.14 -14.33 13.08
N GLY B 179 -8.25 -13.69 12.73
CA GLY B 179 -8.54 -12.35 13.19
C GLY B 179 -9.00 -12.29 14.63
N PRO B 180 -9.08 -11.06 15.14
CA PRO B 180 -9.37 -10.87 16.56
C PRO B 180 -10.85 -10.90 16.90
N VAL B 181 -11.15 -11.45 18.08
CA VAL B 181 -12.38 -11.19 18.82
C VAL B 181 -11.94 -10.48 20.09
N VAL B 182 -12.23 -9.19 20.19
CA VAL B 182 -11.78 -8.36 21.31
C VAL B 182 -13.00 -7.99 22.15
N CYS B 183 -12.91 -8.30 23.45
CA CYS B 183 -14.00 -8.06 24.39
C CYS B 183 -13.45 -7.33 25.60
N ASN B 184 -14.05 -6.18 25.93
CA ASN B 184 -13.63 -5.40 27.10
C ASN B 184 -12.12 -5.14 27.14
N GLY B 185 -11.55 -4.78 25.98
CA GLY B 185 -10.15 -4.43 25.94
C GLY B 185 -9.17 -5.59 25.94
N GLN B 186 -9.62 -6.82 25.74
CA GLN B 186 -8.74 -7.98 25.79
C GLN B 186 -9.02 -8.86 24.58
N LEU B 187 -7.96 -9.48 24.03
CA LEU B 187 -8.13 -10.42 22.92
C LEU B 187 -8.66 -11.72 23.47
N GLN B 188 -9.97 -11.85 23.47
CA GLN B 188 -10.50 -13.11 23.99
C GLN B 188 -10.58 -14.22 22.95
N GLY B 189 -10.73 -13.93 21.66
CA GLY B 189 -10.97 -14.98 20.70
C GLY B 189 -10.15 -14.79 19.43
N VAL B 190 -9.97 -15.92 18.72
CA VAL B 190 -9.39 -15.98 17.38
C VAL B 190 -10.37 -16.65 16.42
N VAL B 191 -10.61 -16.04 15.26
CA VAL B 191 -11.50 -16.62 14.26
C VAL B 191 -11.00 -17.98 13.82
N SER B 192 -11.87 -18.99 13.89
CA SER B 192 -11.46 -20.37 13.63
C SER B 192 -12.30 -20.98 12.50
N TRP B 193 -13.56 -21.29 12.76
CA TRP B 193 -14.34 -22.03 11.78
C TRP B 193 -15.83 -21.83 12.05
N GLY B 194 -16.63 -22.40 11.15
CA GLY B 194 -18.06 -22.28 11.25
C GLY B 194 -18.71 -23.09 10.15
N ASP B 195 -20.00 -23.35 10.35
CA ASP B 195 -20.83 -23.98 9.32
C ASP B 195 -21.27 -22.90 8.35
N GLY B 196 -20.46 -22.69 7.33
CA GLY B 196 -20.76 -21.58 6.46
C GLY B 196 -20.64 -20.26 7.20
N CYS B 197 -21.43 -19.30 6.75
CA CYS B 197 -21.32 -17.93 7.23
C CYS B 197 -22.70 -17.37 7.49
N ALA B 198 -22.93 -16.93 8.73
CA ALA B 198 -24.14 -16.18 9.07
C ALA B 198 -25.41 -16.98 8.86
N GLN B 199 -25.34 -18.30 8.96
CA GLN B 199 -26.58 -19.05 8.84
C GLN B 199 -27.28 -19.12 10.18
N LYS B 200 -28.61 -19.15 10.12
CA LYS B 200 -29.43 -19.32 11.32
C LYS B 200 -28.88 -20.48 12.14
N ASN B 201 -28.74 -20.27 13.45
CA ASN B 201 -28.31 -21.29 14.39
C ASN B 201 -26.91 -21.82 14.07
N LYS B 202 -26.12 -21.06 13.32
CA LYS B 202 -24.72 -21.38 13.03
C LYS B 202 -23.82 -20.17 13.20
N PRO B 203 -23.58 -19.75 14.44
CA PRO B 203 -22.64 -18.66 14.69
C PRO B 203 -21.21 -19.15 14.46
N GLY B 204 -20.31 -18.19 14.38
CA GLY B 204 -18.91 -18.51 14.21
C GLY B 204 -18.31 -19.14 15.46
N VAL B 205 -17.31 -19.98 15.26
CA VAL B 205 -16.59 -20.60 16.36
C VAL B 205 -15.21 -19.97 16.43
N TYR B 206 -14.75 -19.71 17.65
CA TYR B 206 -13.54 -18.96 17.90
C TYR B 206 -12.69 -19.69 18.94
N THR B 207 -11.36 -19.59 18.80
CA THR B 207 -10.48 -20.22 19.78
C THR B 207 -10.49 -19.44 21.08
N LYS B 208 -10.57 -20.16 22.20
CA LYS B 208 -10.72 -19.56 23.52
C LYS B 208 -9.30 -19.17 23.92
N VAL B 209 -8.95 -17.93 23.59
CA VAL B 209 -7.57 -17.48 23.75
C VAL B 209 -7.12 -17.68 25.18
N TYR B 210 -8.02 -17.50 26.14
CA TYR B 210 -7.63 -17.59 27.54
C TYR B 210 -6.92 -18.91 27.83
N ASN B 211 -7.26 -19.99 27.12
CA ASN B 211 -6.67 -21.27 27.45
C ASN B 211 -5.22 -21.38 26.98
N TYR B 212 -4.74 -20.42 26.20
CA TYR B 212 -3.40 -20.47 25.63
C TYR B 212 -2.49 -19.39 26.18
N VAL B 213 -2.99 -18.59 27.15
CA VAL B 213 -2.23 -17.50 27.72
C VAL B 213 -0.86 -17.99 28.18
N LYS B 214 -0.86 -19.11 28.92
CA LYS B 214 0.38 -19.70 29.41
C LYS B 214 1.29 -20.10 28.27
N TRP B 215 0.75 -20.86 27.30
CA TRP B 215 1.54 -21.30 26.16
C TRP B 215 2.19 -20.13 25.44
N ILE B 216 1.45 -19.02 25.31
CA ILE B 216 1.93 -17.87 24.55
C ILE B 216 3.13 -17.25 25.25
N LYS B 217 2.99 -16.98 26.55
CA LYS B 217 4.11 -16.35 27.27
C LYS B 217 5.37 -17.20 27.22
N ASN B 218 5.23 -18.50 27.50
CA ASN B 218 6.39 -19.37 27.49
C ASN B 218 7.05 -19.40 26.12
N THR B 219 6.24 -19.55 25.07
CA THR B 219 6.77 -19.66 23.71
C THR B 219 7.50 -18.39 23.27
N ILE B 220 6.92 -17.21 23.52
CA ILE B 220 7.63 -15.97 23.20
C ILE B 220 8.93 -15.94 23.97
N ALA B 221 8.88 -16.36 25.24
CA ALA B 221 10.06 -16.29 26.09
C ALA B 221 11.18 -17.18 25.58
N ALA B 222 10.83 -18.34 25.05
CA ALA B 222 11.87 -19.23 24.55
C ALA B 222 12.39 -18.83 23.19
N ASN B 223 11.84 -17.80 22.55
CA ASN B 223 12.25 -17.45 21.20
C ASN B 223 12.60 -15.98 21.05
N SER B 224 13.15 -15.37 22.09
CA SER B 224 13.43 -13.95 21.96
C SER B 224 14.93 -13.69 21.81
N GLY C 4 -9.45 -33.48 -13.40
CA GLY C 4 -8.58 -32.72 -12.53
C GLY C 4 -8.29 -33.39 -11.20
N ARG C 5 -8.05 -32.61 -10.15
CA ARG C 5 -7.66 -33.14 -8.85
C ARG C 5 -8.88 -33.55 -8.03
N GLU C 6 -8.80 -34.71 -7.40
CA GLU C 6 -9.82 -35.11 -6.43
C GLU C 6 -9.76 -34.15 -5.25
N ALA C 7 -10.91 -33.70 -4.76
CA ALA C 7 -10.79 -32.78 -3.64
C ALA C 7 -10.48 -33.64 -2.42
N LYS C 8 -9.81 -33.03 -1.45
CA LYS C 8 -9.34 -33.80 -0.30
C LYS C 8 -9.41 -32.95 0.94
N CYS C 9 -10.21 -33.40 1.91
CA CYS C 9 -10.39 -32.67 3.14
C CYS C 9 -10.11 -33.60 4.31
N TYR C 10 -9.67 -32.99 5.40
CA TYR C 10 -9.15 -33.68 6.56
C TYR C 10 -10.07 -33.38 7.73
N ASN C 11 -11.35 -33.28 7.41
CA ASN C 11 -12.34 -32.63 8.25
C ASN C 11 -13.37 -33.65 8.70
N GLU C 12 -13.62 -33.71 10.00
CA GLU C 12 -14.88 -34.25 10.47
C GLU C 12 -15.46 -33.23 11.43
N LEU C 13 -16.16 -32.23 10.89
CA LEU C 13 -16.58 -31.16 11.81
C LEU C 13 -17.77 -30.35 11.31
N ASN C 14 -18.57 -30.87 10.37
CA ASN C 14 -19.78 -30.22 9.88
C ASN C 14 -19.52 -28.74 9.57
N GLY C 15 -18.43 -28.46 8.87
CA GLY C 15 -18.04 -27.06 8.76
C GLY C 15 -16.62 -26.94 8.23
N CYS C 16 -16.17 -25.70 8.09
CA CYS C 16 -14.90 -25.43 7.43
C CYS C 16 -14.17 -24.31 8.15
N THR C 17 -12.82 -24.44 8.25
CA THR C 17 -11.94 -23.32 8.60
C THR C 17 -12.35 -22.09 7.81
N LYS C 18 -12.02 -20.94 8.34
CA LYS C 18 -12.45 -19.73 7.68
C LYS C 18 -11.30 -19.00 6.98
N ILE C 19 -10.20 -19.70 6.71
CA ILE C 19 -9.10 -19.19 5.89
C ILE C 19 -9.56 -18.94 4.46
N TYR C 20 -8.74 -18.19 3.71
CA TYR C 20 -8.83 -18.04 2.26
C TYR C 20 -7.60 -18.66 1.62
N ASP C 21 -7.82 -19.68 0.80
CA ASP C 21 -6.76 -20.47 0.17
C ASP C 21 -7.38 -21.12 -1.05
N PRO C 22 -7.85 -20.29 -1.99
CA PRO C 22 -8.85 -20.74 -2.96
C PRO C 22 -8.33 -21.80 -3.90
N VAL C 23 -9.30 -22.47 -4.52
CA VAL C 23 -9.07 -23.43 -5.59
C VAL C 23 -10.14 -23.18 -6.64
N CYS C 24 -9.83 -23.50 -7.87
CA CYS C 24 -10.73 -23.28 -8.99
C CYS C 24 -11.39 -24.60 -9.36
N GLY C 25 -12.71 -24.65 -9.22
CA GLY C 25 -13.44 -25.86 -9.49
C GLY C 25 -13.52 -26.15 -10.98
N THR C 26 -13.69 -27.43 -11.30
CA THR C 26 -13.97 -27.79 -12.68
C THR C 26 -15.27 -27.18 -13.20
N ASP C 27 -16.13 -26.71 -12.29
CA ASP C 27 -17.33 -25.98 -12.67
C ASP C 27 -17.06 -24.52 -12.99
N GLY C 28 -15.82 -24.04 -12.85
CA GLY C 28 -15.51 -22.65 -13.14
C GLY C 28 -15.68 -21.70 -11.99
N ASN C 29 -16.16 -22.18 -10.84
CA ASN C 29 -16.43 -21.34 -9.70
C ASN C 29 -15.24 -21.36 -8.74
N THR C 30 -14.87 -20.18 -8.25
CA THR C 30 -13.83 -20.13 -7.23
C THR C 30 -14.39 -20.44 -5.86
N TYR C 31 -13.78 -21.40 -5.19
CA TYR C 31 -14.12 -21.77 -3.84
C TYR C 31 -13.06 -21.23 -2.91
N PRO C 32 -13.46 -20.57 -1.81
CA PRO C 32 -12.47 -19.87 -0.97
C PRO C 32 -11.38 -20.75 -0.37
N ASN C 33 -11.64 -22.02 -0.07
CA ASN C 33 -10.57 -22.95 0.24
C ASN C 33 -11.03 -24.35 -0.16
N GLU C 34 -10.10 -25.31 -0.06
CA GLU C 34 -10.44 -26.67 -0.46
C GLU C 34 -11.55 -27.25 0.39
N CYS C 35 -11.57 -26.95 1.69
CA CYS C 35 -12.62 -27.45 2.56
C CYS C 35 -14.01 -27.06 2.06
N VAL C 36 -14.16 -25.83 1.59
CA VAL C 36 -15.48 -25.39 1.12
C VAL C 36 -15.90 -26.16 -0.11
N LEU C 37 -14.94 -26.59 -0.94
CA LEU C 37 -15.30 -27.43 -2.08
C LEU C 37 -15.86 -28.78 -1.61
N CYS C 38 -15.23 -29.42 -0.61
CA CYS C 38 -15.77 -30.68 -0.11
C CYS C 38 -17.11 -30.48 0.56
N PHE C 39 -17.27 -29.34 1.23
CA PHE C 39 -18.53 -29.04 1.90
C PHE C 39 -19.66 -28.94 0.86
N GLU C 40 -19.37 -28.37 -0.31
CA GLU C 40 -20.37 -28.29 -1.37
C GLU C 40 -20.64 -29.68 -1.93
N ASN C 41 -19.61 -30.50 -2.00
CA ASN C 41 -19.78 -31.86 -2.50
C ASN C 41 -20.67 -32.73 -1.62
N ARG C 42 -20.62 -32.58 -0.29
CA ARG C 42 -21.63 -33.27 0.51
C ARG C 42 -23.02 -32.71 0.22
N LYS C 43 -23.17 -31.38 0.39
CA LYS C 43 -24.47 -30.74 0.31
C LYS C 43 -25.20 -31.14 -0.97
N ARG C 44 -24.64 -30.80 -2.12
CA ARG C 44 -25.33 -31.03 -3.39
C ARG C 44 -25.07 -32.41 -3.99
N GLN C 45 -24.44 -33.33 -3.25
CA GLN C 45 -24.20 -34.72 -3.67
C GLN C 45 -23.43 -34.77 -5.00
N THR C 46 -22.49 -33.83 -5.17
CA THR C 46 -21.72 -33.74 -6.41
C THR C 46 -20.29 -34.25 -6.19
N SER C 47 -19.44 -34.10 -7.20
CA SER C 47 -18.01 -34.38 -7.12
C SER C 47 -17.26 -33.51 -8.13
N ILE C 48 -17.33 -32.19 -7.91
CA ILE C 48 -16.50 -31.26 -8.66
C ILE C 48 -15.05 -31.48 -8.29
N LEU C 49 -14.18 -31.51 -9.31
CA LEU C 49 -12.74 -31.62 -9.14
C LEU C 49 -12.10 -30.24 -9.13
N ILE C 50 -10.79 -30.23 -8.86
CA ILE C 50 -9.97 -29.02 -8.83
C ILE C 50 -9.27 -28.88 -10.17
N GLN C 51 -9.57 -27.84 -10.95
CA GLN C 51 -8.84 -27.66 -12.21
C GLN C 51 -7.39 -27.28 -11.92
N LYS C 52 -7.17 -26.46 -10.89
CA LYS C 52 -5.87 -25.94 -10.50
C LYS C 52 -6.08 -25.15 -9.20
N SER C 53 -4.99 -24.96 -8.47
CA SER C 53 -5.00 -24.16 -7.26
C SER C 53 -5.12 -22.67 -7.57
N GLY C 54 -5.52 -21.91 -6.55
CA GLY C 54 -5.67 -20.48 -6.71
C GLY C 54 -7.04 -20.15 -7.29
N PRO C 55 -7.26 -18.87 -7.53
CA PRO C 55 -8.55 -18.45 -8.11
C PRO C 55 -8.64 -18.80 -9.59
N CYS C 56 -9.87 -18.87 -10.07
CA CYS C 56 -10.20 -19.19 -11.45
C CYS C 56 -9.77 -18.06 -12.39
N ASP D 1 39.81 18.22 -33.40
CA ASP D 1 40.08 19.27 -32.42
C ASP D 1 39.60 18.83 -31.02
N SER D 2 38.77 19.68 -30.38
CA SER D 2 38.17 19.41 -29.06
C SER D 2 36.78 20.06 -29.07
N LEU D 3 35.84 19.40 -29.75
CA LEU D 3 34.56 19.99 -30.12
C LEU D 3 33.44 19.41 -29.26
N GLY D 4 32.21 19.81 -29.59
CA GLY D 4 31.06 19.49 -28.79
C GLY D 4 30.08 18.61 -29.54
N ARG D 5 29.34 17.81 -28.78
CA ARG D 5 28.44 16.84 -29.37
C ARG D 5 27.13 17.56 -29.68
N GLU D 6 26.57 17.29 -30.84
CA GLU D 6 25.27 17.83 -31.18
C GLU D 6 24.21 17.30 -30.22
N ALA D 7 23.36 18.19 -29.71
CA ALA D 7 22.33 17.78 -28.79
C ALA D 7 21.21 17.16 -29.62
N LYS D 8 20.45 16.26 -29.01
CA LYS D 8 19.43 15.55 -29.77
C LYS D 8 18.25 15.31 -28.83
N CYS D 9 17.12 14.93 -29.41
CA CYS D 9 15.92 14.71 -28.63
C CYS D 9 15.34 13.34 -28.92
N TYR D 10 14.64 12.78 -27.93
CA TYR D 10 14.09 11.42 -27.94
C TYR D 10 12.59 11.47 -27.86
N ASN D 11 12.06 12.51 -27.21
CA ASN D 11 10.66 12.68 -26.88
C ASN D 11 9.94 13.15 -28.12
N GLU D 12 9.46 12.20 -28.94
CA GLU D 12 8.75 12.62 -30.14
C GLU D 12 7.38 13.12 -29.66
N LEU D 13 7.36 14.38 -29.25
CA LEU D 13 6.18 14.95 -28.62
C LEU D 13 6.25 16.47 -28.72
N ASN D 14 5.71 17.16 -27.73
CA ASN D 14 5.66 18.62 -27.63
C ASN D 14 6.16 19.09 -26.26
N GLY D 15 7.30 18.61 -25.82
CA GLY D 15 7.70 18.86 -24.45
C GLY D 15 8.89 18.02 -24.05
N CYS D 16 9.30 18.22 -22.79
CA CYS D 16 10.55 17.67 -22.29
C CYS D 16 10.33 17.18 -20.86
N THR D 17 10.97 16.06 -20.53
CA THR D 17 11.15 15.65 -19.14
C THR D 17 11.55 16.82 -18.26
N LYS D 18 11.21 16.71 -16.99
CA LYS D 18 11.46 17.78 -16.04
C LYS D 18 12.56 17.47 -15.03
N ILE D 19 13.42 16.51 -15.38
CA ILE D 19 14.59 16.25 -14.60
C ILE D 19 15.50 17.48 -14.62
N TYR D 20 16.44 17.49 -13.69
CA TYR D 20 17.58 18.39 -13.72
C TYR D 20 18.76 17.48 -13.91
N ASP D 21 19.46 17.67 -15.02
CA ASP D 21 20.54 16.81 -15.42
C ASP D 21 21.35 17.68 -16.38
N PRO D 22 21.93 18.78 -15.87
CA PRO D 22 22.33 19.89 -16.73
C PRO D 22 23.39 19.42 -17.66
N VAL D 23 23.57 20.20 -18.69
CA VAL D 23 24.65 20.01 -19.63
C VAL D 23 25.20 21.39 -19.94
N CYS D 24 26.48 21.46 -20.30
CA CYS D 24 27.14 22.73 -20.56
C CYS D 24 27.27 23.03 -22.05
N GLY D 25 26.61 24.11 -22.48
CA GLY D 25 26.63 24.49 -23.88
C GLY D 25 27.96 25.11 -24.30
N THR D 26 28.26 25.02 -25.60
CA THR D 26 29.39 25.76 -26.18
C THR D 26 29.23 27.27 -26.07
N ASP D 27 28.04 27.76 -25.79
CA ASP D 27 27.81 29.19 -25.55
C ASP D 27 28.18 29.60 -24.14
N GLY D 28 28.60 28.66 -23.30
CA GLY D 28 28.94 28.96 -21.92
C GLY D 28 27.78 28.86 -20.96
N ASN D 29 26.57 28.58 -21.44
CA ASN D 29 25.36 28.51 -20.63
C ASN D 29 25.06 27.09 -20.22
N THR D 30 24.71 26.89 -18.94
CA THR D 30 24.26 25.59 -18.47
C THR D 30 22.77 25.42 -18.81
N TYR D 31 22.44 24.34 -19.47
CA TYR D 31 21.04 24.02 -19.78
C TYR D 31 20.59 22.90 -18.87
N PRO D 32 19.43 23.01 -18.24
CA PRO D 32 19.07 22.01 -17.21
C PRO D 32 19.01 20.57 -17.72
N ASN D 33 18.66 20.31 -18.97
CA ASN D 33 18.91 18.97 -19.51
C ASN D 33 19.09 19.09 -21.03
N GLU D 34 19.49 17.97 -21.66
CA GLU D 34 19.74 17.98 -23.09
C GLU D 34 18.49 18.29 -23.91
N CYS D 35 17.34 17.76 -23.50
CA CYS D 35 16.09 18.00 -24.22
C CYS D 35 15.75 19.49 -24.31
N VAL D 36 15.94 20.24 -23.22
CA VAL D 36 15.60 21.66 -23.23
C VAL D 36 16.47 22.42 -24.18
N LEU D 37 17.71 21.98 -24.32
CA LEU D 37 18.65 22.56 -25.28
C LEU D 37 18.26 22.33 -26.74
N CYS D 38 17.83 21.10 -27.10
CA CYS D 38 17.43 20.93 -28.50
C CYS D 38 16.19 21.75 -28.82
N PHE D 39 15.29 21.93 -27.86
CA PHE D 39 14.14 22.81 -28.08
C PHE D 39 14.56 24.26 -28.33
N GLU D 40 15.59 24.75 -27.62
CA GLU D 40 16.01 26.14 -27.88
C GLU D 40 16.65 26.24 -29.25
N ASN D 41 17.39 25.23 -29.65
CA ASN D 41 18.00 25.25 -30.97
C ASN D 41 16.91 25.21 -32.05
N ARG D 42 15.82 24.44 -31.81
CA ARG D 42 14.66 24.53 -32.69
C ARG D 42 14.03 25.91 -32.60
N LYS D 43 13.61 26.31 -31.39
CA LYS D 43 12.89 27.58 -31.23
C LYS D 43 13.66 28.75 -31.82
N ARG D 44 14.85 29.02 -31.29
CA ARG D 44 15.58 30.21 -31.71
C ARG D 44 16.47 29.99 -32.93
N GLN D 45 16.35 28.84 -33.60
CA GLN D 45 17.09 28.57 -34.85
C GLN D 45 18.61 28.70 -34.69
N THR D 46 19.10 28.29 -33.54
CA THR D 46 20.51 28.39 -33.23
C THR D 46 21.08 26.97 -33.33
N SER D 47 22.34 26.78 -32.94
CA SER D 47 22.91 25.44 -32.90
C SER D 47 24.00 25.39 -31.84
N ILE D 48 23.59 25.59 -30.59
CA ILE D 48 24.48 25.38 -29.46
C ILE D 48 24.83 23.91 -29.36
N LEU D 49 26.11 23.61 -29.20
CA LEU D 49 26.57 22.23 -28.99
C LEU D 49 26.72 21.90 -27.50
N ILE D 50 27.03 20.64 -27.20
CA ILE D 50 27.23 20.21 -25.83
C ILE D 50 28.73 20.23 -25.62
N GLN D 51 29.27 21.12 -24.78
CA GLN D 51 30.72 21.03 -24.52
C GLN D 51 31.10 19.83 -23.66
N LYS D 52 30.28 19.50 -22.68
CA LYS D 52 30.61 18.47 -21.71
C LYS D 52 29.36 18.28 -20.86
N SER D 53 29.30 17.15 -20.19
CA SER D 53 28.18 16.94 -19.28
C SER D 53 28.36 17.81 -18.05
N GLY D 54 27.25 18.03 -17.33
CA GLY D 54 27.28 18.82 -16.13
C GLY D 54 27.19 20.31 -16.38
N PRO D 55 27.27 21.10 -15.31
CA PRO D 55 27.21 22.56 -15.44
C PRO D 55 28.52 23.14 -15.98
N CYS D 56 28.40 24.34 -16.55
CA CYS D 56 29.52 25.06 -17.14
C CYS D 56 30.51 25.60 -16.13
S SO4 E . -0.77 -29.46 8.25
O1 SO4 E . -0.37 -28.07 8.05
O2 SO4 E . -0.83 -30.16 6.97
O3 SO4 E . -2.09 -29.53 8.88
O4 SO4 E . 0.19 -30.14 9.12
S SO4 F . -9.57 -29.08 6.02
O1 SO4 F . -10.30 -27.86 6.33
O2 SO4 F . -9.29 -29.19 4.59
O3 SO4 F . -10.36 -30.24 6.42
O4 SO4 F . -8.30 -29.05 6.75
S SO4 G . 15.18 12.64 -23.00
O1 SO4 G . 13.82 12.96 -22.62
O2 SO4 G . 15.41 13.10 -24.37
O3 SO4 G . 15.39 11.20 -22.89
O4 SO4 G . 16.13 13.30 -22.10
#